data_6FPX
#
_entry.id   6FPX
#
_cell.length_a   105.331
_cell.length_b   105.331
_cell.length_c   66.706
_cell.angle_alpha   90.00
_cell.angle_beta   90.00
_cell.angle_gamma   120.00
#
_symmetry.space_group_name_H-M   'P 32'
#
loop_
_entity.id
_entity.type
_entity.pdbx_description
1 polymer 'YTH domain-containing protein mmi1'
2 polymer "RNA (5'-R(P*UP*UP*UP*AP*AP*AP*CP*CP*UP*A)-3')"
3 non-polymer GLYCEROL
4 water water
#
loop_
_entity_poly.entity_id
_entity_poly.type
_entity_poly.pdbx_seq_one_letter_code
_entity_poly.pdbx_strand_id
1 'polypeptide(L)'
;GPSASRKEKPKARASTPPPLNFSRASEHRNEKGERISMINPRVVLDENGISHRSRYFIMLCDNETAIAHAKKTSIWAVKK
DSSKRISDAYKKASVYFIFVAQQTYNALGYAQVVSDLNSTELPFWSDSSHAGGVRIKWIKTCNLFSAEISEIVSHMDHGS
EARDGMEMMYDEGSRLCTLINYAIMKRIGRDR
;
A,C,E
2 'polyribonucleotide' CUUUAAACCUA B,D,F
#
loop_
_chem_comp.id
_chem_comp.type
_chem_comp.name
_chem_comp.formula
A RNA linking ADENOSINE-5'-MONOPHOSPHATE 'C10 H14 N5 O7 P'
C RNA linking CYTIDINE-5'-MONOPHOSPHATE 'C9 H14 N3 O8 P'
GOL non-polymer GLYCEROL 'C3 H8 O3'
U RNA linking URIDINE-5'-MONOPHOSPHATE 'C9 H13 N2 O9 P'
#
# COMPACT_ATOMS: atom_id res chain seq x y z
N THR A 16 36.56 0.60 10.60
CA THR A 16 36.86 -0.83 10.60
C THR A 16 37.25 -1.38 11.99
N PRO A 17 36.26 -1.86 12.75
CA PRO A 17 36.55 -2.49 14.07
C PRO A 17 37.28 -3.82 13.90
N PRO A 18 38.00 -4.28 14.93
CA PRO A 18 38.86 -5.50 14.78
C PRO A 18 38.05 -6.77 14.52
N PRO A 19 38.69 -7.87 14.10
CA PRO A 19 37.94 -9.10 13.77
C PRO A 19 37.08 -9.64 14.90
N LEU A 20 35.94 -10.18 14.52
CA LEU A 20 35.01 -10.72 15.50
C LEU A 20 35.44 -12.12 15.89
N ASN A 21 35.45 -12.39 17.19
CA ASN A 21 35.91 -13.68 17.69
C ASN A 21 34.99 -14.16 18.81
N PHE A 22 34.54 -15.39 18.76
CA PHE A 22 33.67 -15.84 19.82
C PHE A 22 34.35 -16.71 20.87
N SER A 23 35.67 -16.93 20.75
CA SER A 23 36.38 -17.72 21.75
C SER A 23 36.18 -17.14 23.13
N ARG A 24 36.12 -15.81 23.23
CA ARG A 24 35.91 -15.15 24.51
C ARG A 24 34.66 -14.29 24.47
N ALA A 25 33.73 -14.58 23.54
CA ALA A 25 32.51 -13.78 23.44
C ALA A 25 31.71 -13.86 24.72
N SER A 26 31.73 -15.02 25.40
CA SER A 26 31.08 -15.18 26.70
C SER A 26 31.71 -14.31 27.75
N GLU A 27 32.95 -13.87 27.56
CA GLU A 27 33.67 -13.02 28.51
C GLU A 27 33.30 -11.55 28.39
N HIS A 28 32.52 -11.17 27.37
CA HIS A 28 32.16 -9.76 27.24
C HIS A 28 31.03 -9.47 28.22
N ARG A 29 31.35 -8.72 29.26
CA ARG A 29 30.42 -8.56 30.37
C ARG A 29 30.32 -7.09 30.75
N ASN A 30 29.13 -6.65 31.21
CA ASN A 30 29.08 -5.29 31.72
C ASN A 30 29.43 -5.31 33.20
N GLU A 31 29.31 -4.16 33.88
CA GLU A 31 29.67 -4.09 35.29
C GLU A 31 28.75 -4.95 36.17
N LYS A 32 27.49 -5.15 35.77
CA LYS A 32 26.64 -6.06 36.57
C LYS A 32 26.96 -7.53 36.35
N GLY A 33 27.81 -7.88 35.41
CA GLY A 33 28.04 -9.26 35.10
C GLY A 33 27.14 -9.84 34.02
N GLU A 34 26.34 -9.02 33.35
CA GLU A 34 25.53 -9.47 32.23
C GLU A 34 26.35 -9.55 30.98
N ARG A 35 26.05 -10.53 30.13
CA ARG A 35 26.70 -10.62 28.83
C ARG A 35 26.21 -9.50 27.93
N ILE A 36 27.16 -8.88 27.21
CA ILE A 36 26.92 -7.79 26.28
C ILE A 36 27.53 -8.13 24.93
N SER A 37 26.96 -7.52 23.90
CA SER A 37 27.44 -7.65 22.53
C SER A 37 28.88 -7.15 22.39
N MET A 38 29.65 -7.84 21.53
CA MET A 38 30.99 -7.41 21.15
C MET A 38 30.94 -6.29 20.12
N ILE A 39 29.83 -6.14 19.41
CA ILE A 39 29.69 -5.10 18.39
C ILE A 39 29.12 -3.84 18.99
N ASN A 40 28.08 -3.93 19.82
CA ASN A 40 27.53 -2.73 20.44
C ASN A 40 27.35 -3.08 21.91
N PRO A 41 28.30 -2.65 22.75
CA PRO A 41 28.28 -3.05 24.16
C PRO A 41 27.05 -2.59 24.92
N ARG A 42 26.24 -1.68 24.38
CA ARG A 42 24.97 -1.34 25.04
C ARG A 42 23.92 -2.43 24.92
N VAL A 43 24.10 -3.43 24.05
CA VAL A 43 23.08 -4.48 23.88
C VAL A 43 23.37 -5.61 24.86
N VAL A 44 22.42 -5.83 25.80
CA VAL A 44 22.52 -6.87 26.81
C VAL A 44 22.03 -8.20 26.21
N LEU A 45 22.77 -9.27 26.49
CA LEU A 45 22.48 -10.59 25.94
C LEU A 45 22.21 -11.56 27.07
N ASP A 46 21.49 -12.65 26.76
CA ASP A 46 21.32 -13.77 27.67
C ASP A 46 22.59 -14.60 27.58
N GLU A 47 22.63 -15.75 28.26
CA GLU A 47 23.85 -16.55 28.29
C GLU A 47 24.03 -17.38 27.05
N ASN A 48 23.08 -17.30 26.09
CA ASN A 48 23.31 -17.81 24.76
C ASN A 48 23.83 -16.75 23.77
N GLY A 49 24.06 -15.52 24.22
CA GLY A 49 24.50 -14.47 23.27
C GLY A 49 23.36 -13.90 22.45
N ILE A 50 22.12 -14.07 22.90
CA ILE A 50 20.90 -13.64 22.19
C ILE A 50 20.35 -12.39 22.86
N SER A 51 19.96 -11.40 22.04
CA SER A 51 19.31 -10.17 22.48
C SER A 51 17.81 -10.39 22.58
N HIS A 52 17.20 -9.99 23.71
CA HIS A 52 15.78 -10.22 23.83
C HIS A 52 14.95 -9.40 22.86
N ARG A 53 15.56 -8.38 22.22
CA ARG A 53 14.85 -7.41 21.38
C ARG A 53 14.99 -7.68 19.88
N SER A 54 16.07 -8.33 19.46
CA SER A 54 16.38 -8.53 18.04
C SER A 54 16.92 -9.94 17.92
N ARG A 55 16.21 -10.78 17.18
CA ARG A 55 16.55 -12.18 17.13
C ARG A 55 16.59 -12.63 15.69
N TYR A 56 17.54 -13.53 15.39
CA TYR A 56 17.98 -13.85 14.03
C TYR A 56 18.00 -15.36 13.84
N PHE A 57 17.41 -15.82 12.77
CA PHE A 57 17.46 -17.23 12.46
C PHE A 57 17.98 -17.40 11.05
N ILE A 58 18.73 -18.49 10.82
CA ILE A 58 19.23 -18.77 9.48
C ILE A 58 18.23 -19.66 8.75
N MET A 59 17.94 -19.32 7.50
CA MET A 59 17.16 -20.15 6.58
C MET A 59 18.11 -20.63 5.49
N LEU A 60 18.43 -21.90 5.51
CA LEU A 60 19.34 -22.48 4.56
C LEU A 60 18.51 -23.06 3.44
N CYS A 61 18.78 -22.65 2.21
CA CYS A 61 17.86 -23.15 1.19
C CYS A 61 18.59 -23.30 -0.14
N ASP A 62 18.35 -24.44 -0.80
CA ASP A 62 18.89 -24.78 -2.11
C ASP A 62 17.83 -24.78 -3.19
N ASN A 63 16.59 -24.47 -2.86
CA ASN A 63 15.51 -24.51 -3.84
C ASN A 63 15.34 -23.12 -4.43
N GLU A 64 15.80 -22.97 -5.67
CA GLU A 64 15.72 -21.69 -6.36
C GLU A 64 14.25 -21.29 -6.62
N THR A 65 13.40 -22.26 -6.94
CA THR A 65 11.97 -21.94 -7.03
C THR A 65 11.45 -21.32 -5.74
N ALA A 66 11.78 -21.92 -4.60
CA ALA A 66 11.31 -21.41 -3.31
C ALA A 66 11.87 -20.00 -3.07
N ILE A 67 13.17 -19.84 -3.30
CA ILE A 67 13.79 -18.56 -2.98
C ILE A 67 13.23 -17.49 -3.90
N ALA A 68 13.09 -17.81 -5.19
CA ALA A 68 12.57 -16.80 -6.12
C ALA A 68 11.12 -16.47 -5.78
N HIS A 69 10.33 -17.49 -5.40
CA HIS A 69 8.96 -17.21 -4.97
C HIS A 69 8.94 -16.34 -3.72
N ALA A 70 9.86 -16.62 -2.78
CA ALA A 70 9.90 -15.85 -1.54
C ALA A 70 10.27 -14.39 -1.78
N LYS A 71 11.26 -14.12 -2.65
CA LYS A 71 11.61 -12.74 -2.96
C LYS A 71 10.53 -12.04 -3.78
N LYS A 72 9.73 -12.79 -4.54
CA LYS A 72 8.65 -12.13 -5.25
C LYS A 72 7.45 -11.86 -4.35
N THR A 73 7.05 -12.83 -3.52
CA THR A 73 5.77 -12.73 -2.82
C THR A 73 5.88 -12.45 -1.33
N SER A 74 7.08 -12.40 -0.76
CA SER A 74 7.32 -12.04 0.65
C SER A 74 6.60 -13.00 1.61
N ILE A 75 6.76 -14.30 1.34
CA ILE A 75 6.27 -15.38 2.18
C ILE A 75 7.37 -16.39 2.39
N TRP A 76 7.46 -16.97 3.60
CA TRP A 76 8.41 -18.04 3.86
C TRP A 76 7.71 -19.20 4.59
N ALA A 77 8.10 -20.42 4.27
CA ALA A 77 7.61 -21.62 4.98
C ALA A 77 8.62 -22.00 6.06
N VAL A 78 8.10 -22.16 7.26
CA VAL A 78 8.91 -22.44 8.43
C VAL A 78 8.87 -23.93 8.72
N LYS A 79 10.03 -24.52 8.98
CA LYS A 79 10.07 -25.94 9.31
C LYS A 79 9.39 -26.24 10.65
N LYS A 80 8.83 -27.43 10.74
CA LYS A 80 8.25 -27.88 12.00
C LYS A 80 9.29 -27.92 13.11
N ASP A 81 10.54 -28.28 12.77
CA ASP A 81 11.58 -28.42 13.79
C ASP A 81 12.07 -27.07 14.34
N SER A 82 11.73 -25.93 13.73
CA SER A 82 12.09 -24.65 14.31
C SER A 82 10.89 -23.70 14.52
N SER A 83 9.67 -24.13 14.17
CA SER A 83 8.50 -23.25 14.17
C SER A 83 8.14 -22.74 15.57
N LYS A 84 8.18 -23.60 16.59
CA LYS A 84 7.79 -23.16 17.93
C LYS A 84 8.73 -22.08 18.46
N ARG A 85 10.04 -22.27 18.32
CA ARG A 85 10.95 -21.25 18.82
C ARG A 85 10.82 -19.95 18.01
N ILE A 86 10.63 -20.04 16.69
CA ILE A 86 10.38 -18.83 15.88
C ILE A 86 9.06 -18.17 16.25
N SER A 87 8.02 -18.98 16.46
CA SER A 87 6.75 -18.37 16.81
C SER A 87 6.85 -17.70 18.18
N ASP A 88 7.56 -18.32 19.12
CA ASP A 88 7.72 -17.69 20.44
C ASP A 88 8.52 -16.36 20.35
N ALA A 89 9.57 -16.34 19.54
CA ALA A 89 10.38 -15.13 19.35
C ALA A 89 9.58 -14.03 18.68
N TYR A 90 8.72 -14.38 17.73
CA TYR A 90 7.96 -13.36 17.04
C TYR A 90 7.06 -12.58 17.98
N LYS A 91 6.49 -13.25 18.99
CA LYS A 91 5.62 -12.53 19.91
C LYS A 91 6.40 -11.65 20.88
N LYS A 92 7.72 -11.80 20.96
CA LYS A 92 8.51 -11.11 21.97
C LYS A 92 9.54 -10.12 21.42
N ALA A 93 9.94 -10.25 20.16
CA ALA A 93 11.09 -9.52 19.67
C ALA A 93 10.83 -9.20 18.20
N SER A 94 11.59 -8.26 17.67
CA SER A 94 11.80 -8.21 16.22
C SER A 94 12.58 -9.45 15.78
N VAL A 95 12.07 -10.14 14.78
CA VAL A 95 12.64 -11.39 14.35
C VAL A 95 13.04 -11.27 12.89
N TYR A 96 14.26 -11.69 12.57
CA TYR A 96 14.82 -11.65 11.23
C TYR A 96 15.28 -13.01 10.75
N PHE A 97 15.01 -13.28 9.48
CA PHE A 97 15.52 -14.45 8.78
C PHE A 97 16.68 -13.98 7.91
N ILE A 98 17.82 -14.64 8.03
CA ILE A 98 18.96 -14.44 7.11
C ILE A 98 19.05 -15.67 6.23
N PHE A 99 18.88 -15.47 4.93
CA PHE A 99 18.77 -16.56 3.96
C PHE A 99 20.12 -16.83 3.36
N VAL A 100 20.48 -18.12 3.32
CA VAL A 100 21.82 -18.52 2.95
C VAL A 100 21.68 -19.72 2.02
N ALA A 101 22.39 -19.71 0.87
CA ALA A 101 22.33 -20.86 -0.01
C ALA A 101 23.03 -22.04 0.65
N GLN A 102 22.33 -23.19 0.68
CA GLN A 102 22.75 -24.28 1.54
C GLN A 102 24.07 -24.90 1.09
N GLN A 103 24.30 -25.02 -0.21
CA GLN A 103 25.55 -25.63 -0.65
C GLN A 103 26.69 -24.61 -0.86
N THR A 104 26.40 -23.39 -1.27
CA THR A 104 27.48 -22.43 -1.58
C THR A 104 27.75 -21.46 -0.44
N TYR A 105 26.80 -21.32 0.47
CA TYR A 105 26.81 -20.32 1.52
C TYR A 105 26.76 -18.86 0.97
N ASN A 106 26.36 -18.66 -0.27
CA ASN A 106 26.04 -17.29 -0.69
C ASN A 106 24.92 -16.73 0.18
N ALA A 107 25.08 -15.49 0.62
CA ALA A 107 23.96 -14.80 1.25
C ALA A 107 22.93 -14.45 0.19
N LEU A 108 21.65 -14.71 0.50
CA LEU A 108 20.55 -14.41 -0.41
C LEU A 108 19.77 -13.17 0.01
N GLY A 109 19.98 -12.72 1.24
CA GLY A 109 19.36 -11.53 1.76
C GLY A 109 18.85 -11.78 3.19
N TYR A 110 18.12 -10.80 3.69
CA TYR A 110 17.53 -10.96 5.00
C TYR A 110 16.24 -10.16 5.09
N ALA A 111 15.33 -10.66 5.96
CA ALA A 111 13.99 -10.11 6.02
C ALA A 111 13.48 -10.13 7.47
N GLN A 112 12.60 -9.19 7.78
CA GLN A 112 11.93 -9.19 9.07
C GLN A 112 10.66 -10.03 8.98
N VAL A 113 10.42 -10.87 10.00
CA VAL A 113 9.14 -11.57 10.10
C VAL A 113 8.06 -10.59 10.51
N VAL A 114 6.98 -10.55 9.73
CA VAL A 114 5.93 -9.57 9.99
C VAL A 114 4.55 -10.23 10.19
N SER A 115 4.49 -11.52 10.44
CA SER A 115 3.21 -12.13 10.85
C SER A 115 3.53 -13.48 11.49
N ASP A 116 2.63 -13.98 12.32
CA ASP A 116 3.03 -15.17 13.03
C ASP A 116 2.77 -16.42 12.19
N LEU A 117 3.27 -17.55 12.69
CA LEU A 117 3.11 -18.84 12.03
C LEU A 117 1.65 -19.07 11.72
N ASN A 118 1.36 -19.61 10.54
CA ASN A 118 -0.01 -19.85 10.09
C ASN A 118 -0.03 -21.14 9.29
N SER A 119 -0.64 -22.18 9.89
CA SER A 119 -0.73 -23.51 9.29
C SER A 119 -1.47 -23.52 7.96
N THR A 120 -2.37 -22.56 7.73
CA THR A 120 -3.18 -22.57 6.52
C THR A 120 -2.54 -21.77 5.39
N GLU A 121 -1.66 -20.84 5.69
CA GLU A 121 -1.07 -19.99 4.65
C GLU A 121 0.36 -20.44 4.31
N LEU A 122 0.46 -21.57 3.57
CA LEU A 122 1.76 -22.12 3.18
C LEU A 122 1.97 -21.98 1.68
N PRO A 123 3.19 -21.69 1.22
CA PRO A 123 3.40 -21.52 -0.22
C PRO A 123 3.34 -22.86 -0.92
N PHE A 124 3.07 -22.79 -2.21
CA PHE A 124 2.84 -24.01 -2.99
C PHE A 124 4.03 -24.96 -2.91
N TRP A 125 5.24 -24.43 -2.72
CA TRP A 125 6.46 -25.25 -2.73
C TRP A 125 6.76 -25.93 -1.40
N SER A 126 6.02 -25.62 -0.34
CA SER A 126 6.27 -26.19 0.97
C SER A 126 5.87 -27.67 0.96
N ASP A 127 6.42 -28.44 1.90
CA ASP A 127 6.11 -29.85 2.00
C ASP A 127 5.77 -30.23 3.44
N SER A 128 5.80 -31.54 3.75
CA SER A 128 5.34 -31.98 5.06
C SER A 128 6.37 -31.73 6.14
N SER A 129 7.54 -31.19 5.82
CA SER A 129 8.48 -30.76 6.85
C SER A 129 8.16 -29.39 7.41
N HIS A 130 7.21 -28.69 6.82
CA HIS A 130 6.92 -27.31 7.19
C HIS A 130 5.72 -27.22 8.11
N ALA A 131 5.79 -26.32 9.10
CA ALA A 131 4.67 -26.13 10.01
C ALA A 131 3.67 -25.09 9.52
N GLY A 132 4.12 -24.06 8.80
CA GLY A 132 3.18 -23.01 8.46
C GLY A 132 3.94 -21.91 7.77
N GLY A 133 3.18 -20.94 7.28
CA GLY A 133 3.73 -19.82 6.55
C GLY A 133 3.85 -18.59 7.42
N VAL A 134 4.81 -17.71 7.05
CA VAL A 134 4.89 -16.39 7.66
C VAL A 134 5.04 -15.36 6.54
N ARG A 135 4.51 -14.16 6.78
CA ARG A 135 4.82 -13.06 5.89
C ARG A 135 6.11 -12.43 6.37
N ILE A 136 6.88 -11.93 5.41
CA ILE A 136 8.16 -11.32 5.71
C ILE A 136 8.24 -9.98 4.97
N LYS A 137 9.17 -9.15 5.44
CA LYS A 137 9.46 -7.86 4.81
C LYS A 137 10.94 -7.87 4.47
N TRP A 138 11.27 -8.00 3.16
CA TRP A 138 12.68 -8.05 2.74
C TRP A 138 13.37 -6.76 3.10
N ILE A 139 14.54 -6.84 3.73
CA ILE A 139 15.36 -5.66 3.97
C ILE A 139 16.45 -5.51 2.90
N LYS A 140 17.23 -6.56 2.65
CA LYS A 140 18.12 -6.62 1.50
C LYS A 140 17.91 -7.94 0.79
N THR A 141 18.10 -7.91 -0.51
CA THR A 141 18.17 -9.12 -1.31
C THR A 141 19.51 -9.11 -2.02
N CYS A 142 20.08 -10.30 -2.22
CA CYS A 142 21.40 -10.36 -2.84
C CYS A 142 21.68 -11.79 -3.31
N ASN A 143 22.86 -11.98 -3.91
CA ASN A 143 23.38 -13.31 -4.22
C ASN A 143 24.89 -13.19 -4.06
N LEU A 144 25.34 -13.20 -2.81
CA LEU A 144 26.58 -12.59 -2.40
C LEU A 144 27.52 -13.64 -1.87
N PHE A 145 28.72 -13.72 -2.43
CA PHE A 145 29.72 -14.52 -1.76
C PHE A 145 30.61 -13.62 -0.91
N SER A 146 30.71 -13.94 0.36
CA SER A 146 31.70 -13.25 1.19
C SER A 146 32.39 -14.29 2.09
N ALA A 147 33.72 -14.27 2.12
CA ALA A 147 34.43 -15.29 2.92
C ALA A 147 34.07 -15.19 4.41
N GLU A 148 33.83 -13.98 4.93
CA GLU A 148 33.55 -13.92 6.35
C GLU A 148 32.11 -14.37 6.63
N ILE A 149 31.20 -14.14 5.67
CA ILE A 149 29.85 -14.66 5.85
C ILE A 149 29.91 -16.16 5.94
N SER A 150 30.64 -16.76 5.01
CA SER A 150 30.77 -18.21 4.91
C SER A 150 31.43 -18.79 6.15
N GLU A 151 32.44 -18.11 6.68
CA GLU A 151 33.05 -18.52 7.92
C GLU A 151 32.04 -18.48 9.10
N ILE A 152 31.23 -17.42 9.19
CA ILE A 152 30.26 -17.30 10.26
C ILE A 152 29.25 -18.47 10.22
N VAL A 153 28.73 -18.77 9.01
CA VAL A 153 27.76 -19.86 8.82
C VAL A 153 28.38 -21.21 9.14
N SER A 154 29.66 -21.41 8.76
CA SER A 154 30.47 -22.57 8.99
C SER A 154 30.68 -22.87 10.46
N HIS A 155 30.58 -21.88 11.34
CA HIS A 155 30.87 -22.06 12.76
C HIS A 155 29.62 -21.78 13.63
N MET A 156 28.48 -21.57 13.01
CA MET A 156 27.34 -21.00 13.73
C MET A 156 26.76 -21.99 14.76
N ASP A 157 27.02 -23.28 14.61
CA ASP A 157 26.51 -24.29 15.57
C ASP A 157 27.66 -24.72 16.46
N HIS A 158 27.96 -23.91 17.49
CA HIS A 158 29.05 -24.24 18.42
C HIS A 158 30.33 -24.60 17.68
N GLY A 159 30.68 -23.82 16.65
CA GLY A 159 31.92 -24.08 15.93
C GLY A 159 31.74 -24.97 14.72
N SER A 160 30.53 -25.52 14.50
CA SER A 160 30.24 -26.39 13.35
C SER A 160 29.23 -25.71 12.50
N GLU A 161 28.94 -26.33 11.35
CA GLU A 161 28.15 -25.70 10.32
C GLU A 161 26.73 -25.43 10.82
N ALA A 162 26.16 -24.29 10.37
CA ALA A 162 24.80 -23.93 10.71
C ALA A 162 23.83 -25.10 10.41
N ARG A 163 22.82 -25.28 11.29
CA ARG A 163 21.67 -26.14 11.02
C ARG A 163 20.52 -25.28 10.56
N ASP A 164 19.81 -25.71 9.53
CA ASP A 164 18.70 -24.90 9.01
C ASP A 164 17.71 -24.53 10.10
N GLY A 165 17.28 -23.27 10.11
CA GLY A 165 16.30 -22.79 11.06
C GLY A 165 16.84 -22.49 12.45
N MET A 166 18.13 -22.73 12.72
CA MET A 166 18.57 -22.47 14.08
C MET A 166 18.62 -20.95 14.36
N GLU A 167 18.50 -20.59 15.63
CA GLU A 167 18.77 -19.21 16.00
C GLU A 167 20.27 -18.97 16.15
N MET A 168 20.72 -17.78 15.71
CA MET A 168 22.11 -17.42 15.86
C MET A 168 22.25 -16.33 16.94
N MET A 169 23.47 -16.09 17.39
CA MET A 169 23.69 -15.05 18.37
C MET A 169 23.47 -13.67 17.75
N TYR A 170 23.18 -12.71 18.62
CA TYR A 170 22.96 -11.32 18.23
C TYR A 170 24.13 -10.79 17.37
N ASP A 171 25.36 -11.04 17.79
CA ASP A 171 26.53 -10.52 17.05
C ASP A 171 26.71 -11.24 15.73
N GLU A 172 26.27 -12.52 15.62
CA GLU A 172 26.34 -13.17 14.31
C GLU A 172 25.32 -12.56 13.38
N GLY A 173 24.07 -12.40 13.86
CA GLY A 173 23.08 -11.75 13.02
C GLY A 173 23.49 -10.34 12.61
N SER A 174 23.92 -9.54 13.58
CA SER A 174 24.24 -8.15 13.25
C SER A 174 25.42 -8.06 12.30
N ARG A 175 26.42 -8.92 12.49
CA ARG A 175 27.58 -8.83 11.59
C ARG A 175 27.19 -9.29 10.19
N LEU A 176 26.33 -10.30 10.10
CA LEU A 176 25.87 -10.75 8.79
C LEU A 176 25.10 -9.64 8.09
N CYS A 177 24.24 -8.90 8.82
CA CYS A 177 23.51 -7.81 8.19
C CYS A 177 24.49 -6.72 7.73
N THR A 178 25.49 -6.42 8.55
CA THR A 178 26.48 -5.42 8.17
C THR A 178 27.21 -5.84 6.91
N LEU A 179 27.66 -7.10 6.87
CA LEU A 179 28.44 -7.58 5.74
C LEU A 179 27.63 -7.58 4.44
N ILE A 180 26.35 -7.96 4.56
CA ILE A 180 25.43 -7.92 3.42
C ILE A 180 25.22 -6.49 2.95
N ASN A 181 24.94 -5.58 3.89
CA ASN A 181 24.72 -4.18 3.53
C ASN A 181 25.94 -3.58 2.82
N TYR A 182 27.13 -3.87 3.35
CA TYR A 182 28.35 -3.28 2.82
C TYR A 182 28.59 -3.71 1.39
N ALA A 183 28.50 -5.01 1.12
CA ALA A 183 28.69 -5.52 -0.22
C ALA A 183 27.70 -4.88 -1.20
N ILE A 184 26.42 -4.92 -0.85
CA ILE A 184 25.36 -4.37 -1.72
C ILE A 184 25.61 -2.91 -2.02
N MET A 185 26.04 -2.15 -1.00
CA MET A 185 26.37 -0.74 -1.21
C MET A 185 27.59 -0.59 -2.13
N LYS A 186 28.55 -1.51 -2.07
CA LYS A 186 29.69 -1.49 -2.98
C LYS A 186 29.36 -2.07 -4.35
N ARG A 187 28.09 -2.39 -4.59
CA ARG A 187 27.62 -2.99 -5.86
C ARG A 187 28.26 -4.35 -6.09
N ILE A 188 28.40 -5.10 -5.01
CA ILE A 188 28.93 -6.45 -5.04
C ILE A 188 27.80 -7.38 -4.63
N GLY A 189 27.53 -8.40 -5.44
CA GLY A 189 26.56 -9.41 -5.00
C GLY A 189 25.11 -9.01 -5.09
N ARG A 190 24.79 -7.97 -5.86
CA ARG A 190 23.40 -7.57 -5.98
C ARG A 190 22.64 -8.59 -6.80
N ASP A 191 21.37 -8.77 -6.46
CA ASP A 191 20.50 -9.56 -7.33
C ASP A 191 19.54 -8.72 -8.14
N ARG A 192 19.43 -7.42 -7.88
CA ARG A 192 18.55 -6.62 -8.73
C ARG A 192 19.14 -5.23 -8.87
N PRO C 17 -22.37 5.30 -22.10
CA PRO C 17 -21.11 5.33 -22.84
C PRO C 17 -21.28 4.71 -24.23
N PRO C 18 -21.74 5.51 -25.20
CA PRO C 18 -22.05 4.96 -26.52
C PRO C 18 -20.78 4.49 -27.22
N PRO C 19 -20.89 3.48 -28.08
CA PRO C 19 -19.71 2.97 -28.81
C PRO C 19 -19.03 4.06 -29.63
N LEU C 20 -17.71 3.98 -29.69
CA LEU C 20 -16.92 4.96 -30.39
C LEU C 20 -16.92 4.71 -31.90
N ASN C 21 -17.16 5.76 -32.66
CA ASN C 21 -17.32 5.72 -34.11
C ASN C 21 -16.61 6.91 -34.74
N PHE C 22 -15.79 6.66 -35.77
CA PHE C 22 -15.07 7.69 -36.51
C PHE C 22 -15.69 8.04 -37.86
N SER C 23 -16.88 7.49 -38.18
CA SER C 23 -17.54 7.83 -39.43
C SER C 23 -17.71 9.33 -39.57
N ARG C 24 -17.99 10.02 -38.47
CA ARG C 24 -18.10 11.46 -38.47
C ARG C 24 -17.27 12.08 -37.34
N ALA C 25 -16.18 11.42 -36.93
CA ALA C 25 -15.34 11.97 -35.87
C ALA C 25 -14.85 13.36 -36.23
N SER C 26 -14.65 13.62 -37.53
CA SER C 26 -14.36 14.94 -38.04
C SER C 26 -15.53 15.90 -37.89
N GLU C 27 -16.75 15.39 -37.74
CA GLU C 27 -17.92 16.25 -37.55
C GLU C 27 -18.16 16.62 -36.08
N HIS C 28 -17.37 16.13 -35.13
CA HIS C 28 -17.50 16.59 -33.76
C HIS C 28 -16.85 17.97 -33.64
N ARG C 29 -17.66 19.03 -33.46
CA ARG C 29 -17.18 20.40 -33.54
C ARG C 29 -17.73 21.23 -32.40
N ASN C 30 -16.97 22.21 -31.95
CA ASN C 30 -17.52 23.13 -30.96
C ASN C 30 -18.19 24.28 -31.73
N GLU C 31 -18.63 25.30 -30.99
CA GLU C 31 -19.30 26.43 -31.62
C GLU C 31 -18.35 27.23 -32.53
N LYS C 32 -17.05 27.26 -32.23
CA LYS C 32 -16.13 27.97 -33.11
C LYS C 32 -15.85 27.22 -34.41
N GLY C 33 -16.28 25.96 -34.54
CA GLY C 33 -15.93 25.11 -35.66
C GLY C 33 -14.64 24.31 -35.48
N GLU C 34 -14.06 24.32 -34.30
CA GLU C 34 -12.88 23.52 -34.02
C GLU C 34 -13.30 22.10 -33.75
N ARG C 35 -12.44 21.18 -34.14
CA ARG C 35 -12.71 19.78 -33.84
C ARG C 35 -12.55 19.54 -32.35
N ILE C 36 -13.47 18.75 -31.77
CA ILE C 36 -13.45 18.42 -30.36
C ILE C 36 -13.47 16.90 -30.22
N SER C 37 -12.92 16.42 -29.12
CA SER C 37 -12.96 14.99 -28.80
C SER C 37 -14.37 14.48 -28.66
N MET C 38 -14.59 13.24 -29.13
CA MET C 38 -15.84 12.55 -28.93
C MET C 38 -15.97 12.00 -27.52
N ILE C 39 -14.88 11.85 -26.79
CA ILE C 39 -14.95 11.34 -25.43
C ILE C 39 -15.07 12.47 -24.45
N ASN C 40 -14.31 13.53 -24.62
CA ASN C 40 -14.38 14.68 -23.72
C ASN C 40 -14.48 15.91 -24.59
N PRO C 41 -15.69 16.45 -24.77
CA PRO C 41 -15.85 17.57 -25.70
C PRO C 41 -15.08 18.81 -25.29
N ARG C 42 -14.58 18.91 -24.06
CA ARG C 42 -13.74 20.05 -23.68
C ARG C 42 -12.35 20.02 -24.30
N VAL C 43 -11.94 18.89 -24.87
CA VAL C 43 -10.62 18.76 -25.47
C VAL C 43 -10.69 19.15 -26.94
N VAL C 44 -9.98 20.26 -27.29
CA VAL C 44 -9.93 20.77 -28.66
C VAL C 44 -8.86 20.04 -29.44
N LEU C 45 -9.18 19.66 -30.68
CA LEU C 45 -8.28 18.90 -31.53
C LEU C 45 -7.93 19.66 -32.80
N ASP C 46 -6.80 19.30 -33.38
CA ASP C 46 -6.47 19.79 -34.70
C ASP C 46 -7.27 18.96 -35.69
N GLU C 47 -7.05 19.20 -36.99
CA GLU C 47 -7.84 18.50 -37.99
C GLU C 47 -7.39 17.07 -38.24
N ASN C 48 -6.35 16.60 -37.54
CA ASN C 48 -6.02 15.17 -37.52
C ASN C 48 -6.61 14.43 -36.32
N GLY C 49 -7.39 15.13 -35.49
CA GLY C 49 -7.94 14.52 -34.27
C GLY C 49 -6.94 14.45 -33.14
N ILE C 50 -5.90 15.28 -33.20
CA ILE C 50 -4.81 15.26 -32.24
C ILE C 50 -4.96 16.43 -31.29
N SER C 51 -4.76 16.14 -30.01
CA SER C 51 -4.76 17.16 -28.96
C SER C 51 -3.36 17.75 -28.85
N HIS C 52 -3.27 19.08 -28.82
CA HIS C 52 -1.95 19.69 -28.73
C HIS C 52 -1.26 19.44 -27.39
N ARG C 53 -1.99 18.98 -26.39
CA ARG C 53 -1.55 18.83 -25.01
C ARG C 53 -1.25 17.39 -24.60
N SER C 54 -1.87 16.42 -25.24
CA SER C 54 -1.72 15.01 -24.89
C SER C 54 -1.64 14.24 -26.18
N ARG C 55 -0.50 13.59 -26.42
CA ARG C 55 -0.24 12.94 -27.70
C ARG C 55 0.25 11.50 -27.52
N TYR C 56 -0.18 10.64 -28.42
CA TYR C 56 -0.12 9.19 -28.23
C TYR C 56 0.49 8.54 -29.46
N PHE C 57 1.48 7.69 -29.26
CA PHE C 57 2.08 6.93 -30.35
C PHE C 57 2.02 5.44 -30.01
N ILE C 58 1.80 4.60 -31.03
CA ILE C 58 1.78 3.16 -30.87
C ILE C 58 3.19 2.61 -31.08
N MET C 59 3.61 1.73 -30.20
CA MET C 59 4.85 0.98 -30.35
C MET C 59 4.47 -0.49 -30.57
N LEU C 60 4.67 -0.95 -31.81
CA LEU C 60 4.35 -2.32 -32.17
C LEU C 60 5.60 -3.21 -32.03
N CYS C 61 5.54 -4.24 -31.19
CA CYS C 61 6.78 -4.98 -30.97
C CYS C 61 6.51 -6.46 -30.68
N ASP C 62 7.26 -7.34 -31.32
CA ASP C 62 7.13 -8.76 -31.02
C ASP C 62 8.41 -9.32 -30.42
N ASN C 63 9.37 -8.46 -30.10
CA ASN C 63 10.65 -8.89 -29.53
C ASN C 63 10.47 -8.94 -28.02
N GLU C 64 10.27 -10.18 -27.53
CA GLU C 64 10.02 -10.46 -26.13
C GLU C 64 11.17 -10.06 -25.23
N THR C 65 12.39 -9.94 -25.77
CA THR C 65 13.51 -9.43 -24.99
C THR C 65 13.40 -7.92 -24.82
N ALA C 66 13.07 -7.20 -25.89
CA ALA C 66 12.96 -5.75 -25.81
C ALA C 66 11.91 -5.32 -24.79
N ILE C 67 10.74 -5.98 -24.81
CA ILE C 67 9.63 -5.53 -23.97
C ILE C 67 9.94 -5.75 -22.49
N ALA C 68 10.46 -6.92 -22.13
CA ALA C 68 10.78 -7.16 -20.73
C ALA C 68 11.89 -6.26 -20.27
N HIS C 69 12.89 -6.03 -21.12
CA HIS C 69 13.93 -5.07 -20.77
C HIS C 69 13.31 -3.70 -20.59
N ALA C 70 12.42 -3.29 -21.50
CA ALA C 70 11.82 -1.96 -21.36
C ALA C 70 10.98 -1.90 -20.10
N LYS C 71 10.24 -2.97 -19.79
CA LYS C 71 9.51 -2.98 -18.53
C LYS C 71 10.41 -3.05 -17.32
N LYS C 72 11.58 -3.66 -17.45
CA LYS C 72 12.43 -3.65 -16.27
C LYS C 72 13.16 -2.33 -16.12
N THR C 73 13.65 -1.75 -17.22
CA THR C 73 14.56 -0.62 -17.11
C THR C 73 13.96 0.72 -17.51
N SER C 74 12.75 0.78 -18.03
CA SER C 74 12.05 2.02 -18.38
C SER C 74 12.82 2.84 -19.42
N ILE C 75 13.26 2.16 -20.48
CA ILE C 75 13.93 2.77 -21.64
C ILE C 75 13.30 2.21 -22.91
N TRP C 76 13.16 3.05 -23.95
CA TRP C 76 12.66 2.55 -25.23
C TRP C 76 13.55 3.07 -26.35
N ALA C 77 13.73 2.24 -27.38
CA ALA C 77 14.42 2.70 -28.59
C ALA C 77 13.40 3.18 -29.61
N VAL C 78 13.60 4.39 -30.11
CA VAL C 78 12.67 4.99 -31.05
C VAL C 78 13.21 4.83 -32.47
N LYS C 79 12.34 4.40 -33.38
CA LYS C 79 12.73 4.19 -34.78
C LYS C 79 13.08 5.50 -35.45
N LYS C 80 14.01 5.42 -36.39
CA LYS C 80 14.38 6.58 -37.19
C LYS C 80 13.17 7.14 -37.94
N ASP C 81 12.27 6.26 -38.40
CA ASP C 81 11.14 6.66 -39.23
C ASP C 81 10.08 7.43 -38.44
N SER C 82 10.15 7.44 -37.12
CA SER C 82 9.21 8.23 -36.35
C SER C 82 9.89 9.15 -35.33
N SER C 83 11.23 9.18 -35.29
CA SER C 83 11.91 9.89 -34.21
C SER C 83 11.69 11.39 -34.29
N LYS C 84 11.72 11.99 -35.47
CA LYS C 84 11.59 13.45 -35.54
C LYS C 84 10.23 13.92 -35.00
N ARG C 85 9.16 13.25 -35.40
CA ARG C 85 7.83 13.67 -34.95
C ARG C 85 7.64 13.44 -33.44
N ILE C 86 8.13 12.32 -32.93
CA ILE C 86 8.10 12.05 -31.49
C ILE C 86 8.95 13.07 -30.73
N SER C 87 10.15 13.38 -31.23
CA SER C 87 10.96 14.34 -30.50
C SER C 87 10.31 15.72 -30.53
N ASP C 88 9.68 16.07 -31.66
CA ASP C 88 8.95 17.34 -31.73
C ASP C 88 7.77 17.40 -30.75
N ALA C 89 6.99 16.32 -30.65
CA ALA C 89 5.83 16.28 -29.75
C ALA C 89 6.27 16.35 -28.28
N TYR C 90 7.38 15.71 -27.95
CA TYR C 90 7.86 15.74 -26.58
C TYR C 90 8.17 17.15 -26.11
N LYS C 91 8.73 17.99 -27.00
CA LYS C 91 9.04 19.34 -26.59
C LYS C 91 7.79 20.18 -26.41
N LYS C 92 6.62 19.71 -26.85
CA LYS C 92 5.40 20.52 -26.85
C LYS C 92 4.26 19.98 -26.01
N ALA C 93 4.25 18.68 -25.68
CA ALA C 93 3.08 18.01 -25.12
C ALA C 93 3.54 16.94 -24.13
N SER C 94 2.61 16.50 -23.29
CA SER C 94 2.75 15.19 -22.67
C SER C 94 2.63 14.12 -23.74
N VAL C 95 3.61 13.22 -23.79
CA VAL C 95 3.68 12.23 -24.85
C VAL C 95 3.65 10.84 -24.21
N TYR C 96 2.81 9.95 -24.76
CA TYR C 96 2.64 8.60 -24.25
C TYR C 96 2.85 7.57 -25.36
N PHE C 97 3.53 6.49 -24.99
CA PHE C 97 3.66 5.35 -25.88
C PHE C 97 2.68 4.29 -25.39
N ILE C 98 1.86 3.75 -26.29
CA ILE C 98 1.02 2.60 -26.00
C ILE C 98 1.62 1.40 -26.71
N PHE C 99 2.02 0.40 -25.94
CA PHE C 99 2.76 -0.75 -26.45
C PHE C 99 1.80 -1.88 -26.78
N VAL C 100 1.95 -2.46 -27.99
CA VAL C 100 1.01 -3.44 -28.52
C VAL C 100 1.82 -4.57 -29.13
N ALA C 101 1.44 -5.83 -28.83
CA ALA C 101 2.16 -6.95 -29.45
C ALA C 101 1.83 -6.98 -30.94
N GLN C 102 2.86 -7.10 -31.78
CA GLN C 102 2.72 -6.82 -33.19
C GLN C 102 1.85 -7.85 -33.90
N GLN C 103 1.98 -9.13 -33.55
CA GLN C 103 1.24 -10.17 -34.22
C GLN C 103 -0.09 -10.48 -33.52
N THR C 104 -0.17 -10.33 -32.20
CA THR C 104 -1.37 -10.72 -31.47
C THR C 104 -2.30 -9.57 -31.15
N TYR C 105 -1.78 -8.36 -31.15
CA TYR C 105 -2.45 -7.13 -30.76
C TYR C 105 -2.80 -7.11 -29.25
N ASN C 106 -2.15 -7.94 -28.44
CA ASN C 106 -2.30 -7.78 -26.99
C ASN C 106 -1.76 -6.40 -26.59
N ALA C 107 -2.50 -5.70 -25.74
CA ALA C 107 -1.90 -4.52 -25.15
C ALA C 107 -0.86 -4.97 -24.12
N LEU C 108 0.30 -4.34 -24.19
CA LEU C 108 1.44 -4.60 -23.29
C LEU C 108 1.58 -3.56 -22.19
N GLY C 109 0.95 -2.39 -22.36
CA GLY C 109 0.97 -1.32 -21.39
C GLY C 109 1.10 0.04 -22.06
N TYR C 110 1.27 1.07 -21.24
CA TYR C 110 1.52 2.38 -21.79
C TYR C 110 2.33 3.16 -20.78
N ALA C 111 3.16 4.10 -21.32
CA ALA C 111 4.16 4.83 -20.56
C ALA C 111 4.24 6.27 -21.08
N GLN C 112 4.60 7.19 -20.18
CA GLN C 112 4.82 8.58 -20.57
C GLN C 112 6.29 8.73 -20.95
N VAL C 113 6.54 9.43 -22.05
CA VAL C 113 7.92 9.77 -22.40
C VAL C 113 8.40 10.86 -21.47
N VAL C 114 9.53 10.62 -20.81
CA VAL C 114 10.02 11.57 -19.82
C VAL C 114 11.44 12.05 -20.13
N SER C 115 11.92 11.85 -21.35
CA SER C 115 13.18 12.48 -21.74
C SER C 115 13.26 12.49 -23.26
N ASP C 116 14.08 13.40 -23.81
CA ASP C 116 14.04 13.51 -25.26
C ASP C 116 14.90 12.44 -25.89
N LEU C 117 14.76 12.32 -27.20
CA LEU C 117 15.52 11.34 -27.96
C LEU C 117 17.00 11.55 -27.74
N ASN C 118 17.74 10.46 -27.63
CA ASN C 118 19.16 10.68 -27.48
C ASN C 118 19.96 9.51 -28.04
N SER C 119 20.75 9.82 -29.08
CA SER C 119 21.60 8.89 -29.81
C SER C 119 22.55 8.11 -28.92
N THR C 120 22.88 8.60 -27.72
CA THR C 120 23.88 7.89 -26.92
C THR C 120 23.30 6.91 -25.89
N GLU C 121 22.08 7.13 -25.38
CA GLU C 121 21.52 6.26 -24.34
C GLU C 121 20.50 5.32 -24.97
N LEU C 122 21.03 4.31 -25.64
CA LEU C 122 20.24 3.39 -26.42
C LEU C 122 20.38 1.94 -25.94
N PRO C 123 19.28 1.14 -25.88
CA PRO C 123 19.39 -0.19 -25.28
C PRO C 123 20.10 -1.22 -26.16
N PHE C 124 20.59 -2.24 -25.49
CA PHE C 124 21.41 -3.26 -26.14
C PHE C 124 20.67 -3.96 -27.27
N TRP C 125 19.35 -4.06 -27.21
CA TRP C 125 18.60 -4.78 -28.23
C TRP C 125 18.30 -3.96 -29.49
N SER C 126 18.63 -2.67 -29.50
CA SER C 126 18.31 -1.83 -30.64
C SER C 126 19.15 -2.21 -31.88
N ASP C 127 18.66 -1.80 -33.04
CA ASP C 127 19.43 -2.05 -34.23
C ASP C 127 19.60 -0.77 -35.05
N SER C 128 20.04 -0.90 -36.28
CA SER C 128 20.32 0.29 -37.03
C SER C 128 19.05 0.96 -37.54
N SER C 129 17.87 0.39 -37.24
CA SER C 129 16.64 1.08 -37.53
C SER C 129 16.29 2.11 -36.45
N HIS C 130 17.04 2.19 -35.37
CA HIS C 130 16.64 3.06 -34.28
C HIS C 130 17.47 4.33 -34.29
N ALA C 131 16.82 5.47 -33.97
CA ALA C 131 17.57 6.72 -33.91
C ALA C 131 18.15 6.99 -32.54
N GLY C 132 17.49 6.56 -31.46
CA GLY C 132 18.02 6.88 -30.16
C GLY C 132 17.08 6.42 -29.09
N GLY C 133 17.55 6.49 -27.86
CA GLY C 133 16.77 6.00 -26.74
C GLY C 133 16.04 7.13 -26.04
N VAL C 134 14.94 6.79 -25.38
CA VAL C 134 14.23 7.70 -24.51
C VAL C 134 13.95 7.00 -23.19
N ARG C 135 13.86 7.79 -22.12
CA ARG C 135 13.36 7.32 -20.84
C ARG C 135 11.84 7.42 -20.82
N ILE C 136 11.19 6.41 -20.18
CA ILE C 136 9.75 6.34 -20.06
C ILE C 136 9.35 6.07 -18.61
N LYS C 137 8.13 6.44 -18.27
CA LYS C 137 7.56 6.14 -16.96
C LYS C 137 6.30 5.32 -17.19
N TRP C 138 6.36 4.02 -16.87
CA TRP C 138 5.21 3.14 -17.05
C TRP C 138 4.05 3.61 -16.22
N ILE C 139 2.86 3.70 -16.84
CA ILE C 139 1.62 3.98 -16.10
C ILE C 139 0.88 2.68 -15.74
N LYS C 140 0.63 1.83 -16.73
CA LYS C 140 0.13 0.48 -16.56
C LYS C 140 0.99 -0.47 -17.39
N THR C 141 1.11 -1.70 -16.92
CA THR C 141 1.72 -2.79 -17.67
C THR C 141 0.76 -3.95 -17.65
N CYS C 142 0.72 -4.71 -18.73
CA CYS C 142 -0.27 -5.78 -18.84
C CYS C 142 0.16 -6.72 -19.95
N ASN C 143 -0.64 -7.72 -20.15
CA ASN C 143 -0.54 -8.53 -21.33
C ASN C 143 -2.00 -8.91 -21.66
N LEU C 144 -2.70 -7.98 -22.29
CA LEU C 144 -4.14 -7.94 -22.26
C LEU C 144 -4.69 -8.15 -23.67
N PHE C 145 -5.56 -9.15 -23.83
CA PHE C 145 -6.33 -9.24 -25.07
C PHE C 145 -7.65 -8.54 -24.86
N SER C 146 -7.93 -7.57 -25.70
CA SER C 146 -9.27 -6.99 -25.69
C SER C 146 -9.74 -6.79 -27.11
N ALA C 147 -10.97 -7.23 -27.41
CA ALA C 147 -11.49 -7.14 -28.79
C ALA C 147 -11.57 -5.68 -29.26
N GLU C 148 -11.92 -4.75 -28.37
CA GLU C 148 -12.04 -3.39 -28.87
C GLU C 148 -10.65 -2.76 -29.04
N ILE C 149 -9.67 -3.20 -28.24
CA ILE C 149 -8.30 -2.73 -28.44
C ILE C 149 -7.80 -3.18 -29.80
N SER C 150 -7.99 -4.48 -30.11
CA SER C 150 -7.53 -4.97 -31.41
C SER C 150 -8.21 -4.25 -32.54
N GLU C 151 -9.51 -3.99 -32.43
CA GLU C 151 -10.19 -3.23 -33.46
C GLU C 151 -9.60 -1.84 -33.63
N ILE C 152 -9.33 -1.15 -32.51
CA ILE C 152 -8.74 0.17 -32.57
C ILE C 152 -7.39 0.12 -33.29
N VAL C 153 -6.55 -0.90 -33.01
CA VAL C 153 -5.24 -1.01 -33.66
C VAL C 153 -5.37 -1.39 -35.16
N SER C 154 -6.37 -2.23 -35.49
CA SER C 154 -6.70 -2.71 -36.85
C SER C 154 -7.12 -1.61 -37.78
N HIS C 155 -7.61 -0.48 -37.27
CA HIS C 155 -8.14 0.62 -38.07
C HIS C 155 -7.38 1.93 -37.85
N MET C 156 -6.24 1.88 -37.19
CA MET C 156 -5.60 3.09 -36.69
C MET C 156 -4.98 3.93 -37.81
N ASP C 157 -4.67 3.32 -38.95
CA ASP C 157 -4.09 4.04 -40.09
C ASP C 157 -5.20 4.22 -41.13
N HIS C 158 -6.05 5.23 -40.90
CA HIS C 158 -7.15 5.57 -41.81
C HIS C 158 -7.96 4.32 -42.20
N GLY C 159 -8.30 3.53 -41.17
CA GLY C 159 -9.13 2.36 -41.37
C GLY C 159 -8.33 1.10 -41.62
N SER C 160 -7.01 1.18 -41.72
CA SER C 160 -6.19 -0.01 -41.93
C SER C 160 -5.27 -0.16 -40.75
N GLU C 161 -4.50 -1.26 -40.73
CA GLU C 161 -3.76 -1.63 -39.53
C GLU C 161 -2.72 -0.58 -39.16
N ALA C 162 -2.51 -0.43 -37.84
CA ALA C 162 -1.53 0.50 -37.29
C ALA C 162 -0.17 0.25 -37.93
N ARG C 163 0.57 1.35 -38.21
CA ARG C 163 1.98 1.31 -38.55
C ARG C 163 2.82 1.63 -37.32
N ASP C 164 3.87 0.85 -37.08
CA ASP C 164 4.67 1.04 -35.88
C ASP C 164 5.16 2.48 -35.79
N GLY C 165 5.09 3.06 -34.60
CA GLY C 165 5.55 4.40 -34.33
C GLY C 165 4.64 5.52 -34.78
N MET C 166 3.51 5.23 -35.42
CA MET C 166 2.64 6.30 -35.87
C MET C 166 1.98 6.96 -34.68
N GLU C 167 1.61 8.21 -34.89
CA GLU C 167 0.77 8.89 -33.90
C GLU C 167 -0.68 8.53 -34.13
N MET C 168 -1.41 8.41 -33.02
CA MET C 168 -2.84 8.12 -33.11
C MET C 168 -3.61 9.35 -32.67
N MET C 169 -4.92 9.32 -32.94
CA MET C 169 -5.76 10.41 -32.50
C MET C 169 -5.95 10.37 -30.98
N TYR C 170 -6.25 11.55 -30.43
CA TYR C 170 -6.50 11.69 -28.99
C TYR C 170 -7.55 10.69 -28.50
N ASP C 171 -8.67 10.53 -29.23
CA ASP C 171 -9.72 9.64 -28.75
C ASP C 171 -9.29 8.18 -28.82
N GLU C 172 -8.42 7.83 -29.79
CA GLU C 172 -7.88 6.49 -29.83
C GLU C 172 -6.94 6.24 -28.64
N GLY C 173 -5.98 7.17 -28.39
CA GLY C 173 -5.13 6.99 -27.23
C GLY C 173 -5.89 6.95 -25.91
N SER C 174 -6.85 7.87 -25.74
CA SER C 174 -7.62 7.94 -24.51
C SER C 174 -8.48 6.70 -24.32
N ARG C 175 -9.08 6.20 -25.40
CA ARG C 175 -9.91 5.02 -25.24
C ARG C 175 -9.04 3.79 -24.93
N LEU C 176 -7.86 3.71 -25.54
CA LEU C 176 -6.97 2.59 -25.24
C LEU C 176 -6.53 2.63 -23.81
N CYS C 177 -6.25 3.84 -23.29
CA CYS C 177 -5.88 3.94 -21.89
C CYS C 177 -7.05 3.48 -21.00
N THR C 178 -8.28 3.89 -21.33
CA THR C 178 -9.42 3.53 -20.50
C THR C 178 -9.61 2.02 -20.51
N LEU C 179 -9.54 1.41 -21.69
CA LEU C 179 -9.72 -0.03 -21.84
C LEU C 179 -8.64 -0.81 -21.13
N ILE C 180 -7.40 -0.32 -21.16
CA ILE C 180 -6.32 -0.97 -20.45
C ILE C 180 -6.54 -0.85 -18.95
N ASN C 181 -6.85 0.35 -18.46
CA ASN C 181 -7.06 0.58 -17.03
C ASN C 181 -8.13 -0.32 -16.48
N TYR C 182 -9.24 -0.41 -17.21
CA TYR C 182 -10.41 -1.14 -16.73
C TYR C 182 -10.14 -2.64 -16.59
N ALA C 183 -9.54 -3.24 -17.61
CA ALA C 183 -9.23 -4.67 -17.55
C ALA C 183 -8.31 -4.99 -16.39
N ILE C 184 -7.22 -4.23 -16.26
CA ILE C 184 -6.29 -4.42 -15.14
C ILE C 184 -7.00 -4.24 -13.81
N MET C 185 -7.91 -3.26 -13.71
CA MET C 185 -8.61 -3.10 -12.44
C MET C 185 -9.52 -4.31 -12.15
N LYS C 186 -10.10 -4.89 -13.20
CA LYS C 186 -10.87 -6.12 -13.09
C LYS C 186 -9.98 -7.34 -13.00
N ARG C 187 -8.65 -7.15 -12.93
CA ARG C 187 -7.70 -8.25 -12.83
C ARG C 187 -7.76 -9.18 -14.04
N ILE C 188 -7.89 -8.56 -15.21
CA ILE C 188 -7.83 -9.24 -16.49
C ILE C 188 -6.59 -8.75 -17.20
N GLY C 189 -5.75 -9.69 -17.64
CA GLY C 189 -4.63 -9.33 -18.49
C GLY C 189 -3.47 -8.69 -17.78
N ARG C 190 -3.39 -8.88 -16.47
CA ARG C 190 -2.28 -8.35 -15.69
C ARG C 190 -0.98 -9.08 -16.02
N ASP C 191 0.13 -8.37 -15.98
CA ASP C 191 1.44 -9.03 -16.09
C ASP C 191 2.19 -9.12 -14.76
N ARG C 192 1.71 -8.47 -13.72
CA ARG C 192 2.35 -8.51 -12.41
C ARG C 192 1.28 -8.48 -11.34
N PRO E 18 -27.18 -1.30 36.53
CA PRO E 18 -26.05 -1.42 35.59
C PRO E 18 -25.30 -0.14 35.09
N PRO E 19 -25.59 1.06 35.61
CA PRO E 19 -25.06 2.27 34.96
C PRO E 19 -23.56 2.22 34.74
N LEU E 20 -23.14 2.76 33.60
CA LEU E 20 -21.72 2.88 33.27
C LEU E 20 -21.20 4.11 34.02
N ASN E 21 -20.03 3.96 34.63
CA ASN E 21 -19.53 4.98 35.53
C ASN E 21 -18.03 5.10 35.32
N PHE E 22 -17.56 6.34 35.12
CA PHE E 22 -16.16 6.64 34.85
C PHE E 22 -15.35 7.03 36.09
N SER E 23 -15.93 6.96 37.30
CA SER E 23 -15.23 7.43 38.49
C SER E 23 -13.85 6.79 38.64
N ARG E 24 -13.70 5.50 38.35
CA ARG E 24 -12.35 4.94 38.38
C ARG E 24 -12.07 4.20 37.10
N ALA E 25 -12.58 4.68 35.95
CA ALA E 25 -12.28 4.00 34.69
C ALA E 25 -10.77 3.89 34.48
N SER E 26 -10.00 4.82 35.04
CA SER E 26 -8.54 4.75 34.98
C SER E 26 -7.99 3.51 35.68
N GLU E 27 -8.74 2.90 36.60
CA GLU E 27 -8.25 1.69 37.27
C GLU E 27 -8.58 0.39 36.52
N HIS E 28 -9.39 0.44 35.47
CA HIS E 28 -9.68 -0.77 34.70
C HIS E 28 -8.48 -1.07 33.83
N ARG E 29 -7.68 -2.06 34.23
CA ARG E 29 -6.45 -2.38 33.52
C ARG E 29 -6.23 -3.88 33.47
N ASN E 30 -5.53 -4.32 32.41
CA ASN E 30 -5.16 -5.70 32.21
C ASN E 30 -3.82 -6.02 32.89
N GLU E 31 -3.35 -7.26 32.71
CA GLU E 31 -2.13 -7.70 33.40
C GLU E 31 -0.89 -6.94 32.95
N LYS E 32 -0.93 -6.25 31.81
CA LYS E 32 0.21 -5.45 31.39
C LYS E 32 0.14 -4.01 31.86
N GLY E 33 -0.82 -3.68 32.72
CA GLY E 33 -0.99 -2.31 33.17
C GLY E 33 -1.62 -1.38 32.16
N GLU E 34 -2.12 -1.91 31.04
CA GLU E 34 -2.82 -1.08 30.07
C GLU E 34 -4.27 -0.88 30.48
N ARG E 35 -4.78 0.33 30.20
CA ARG E 35 -6.20 0.60 30.45
C ARG E 35 -7.07 -0.21 29.50
N ILE E 36 -8.16 -0.77 30.03
CA ILE E 36 -9.07 -1.55 29.21
C ILE E 36 -10.50 -1.04 29.37
N SER E 37 -11.29 -1.26 28.32
CA SER E 37 -12.71 -0.88 28.30
C SER E 37 -13.49 -1.52 29.45
N MET E 38 -14.43 -0.76 29.98
CA MET E 38 -15.35 -1.28 30.97
C MET E 38 -16.45 -2.13 30.35
N ILE E 39 -16.70 -1.98 29.04
CA ILE E 39 -17.76 -2.73 28.36
C ILE E 39 -17.21 -4.07 27.83
N ASN E 40 -16.02 -4.05 27.24
CA ASN E 40 -15.36 -5.26 26.75
C ASN E 40 -13.88 -5.18 27.16
N PRO E 41 -13.47 -5.95 28.18
CA PRO E 41 -12.08 -5.81 28.69
C PRO E 41 -11.01 -6.16 27.66
N ARG E 42 -11.35 -6.82 26.54
CA ARG E 42 -10.40 -7.14 25.46
C ARG E 42 -9.96 -5.91 24.67
N VAL E 43 -10.64 -4.78 24.79
CA VAL E 43 -10.29 -3.56 24.05
C VAL E 43 -9.31 -2.77 24.89
N VAL E 44 -8.11 -2.58 24.38
CA VAL E 44 -7.07 -1.79 25.04
C VAL E 44 -7.25 -0.34 24.66
N LEU E 45 -7.11 0.56 25.64
CA LEU E 45 -7.32 1.99 25.43
C LEU E 45 -6.08 2.77 25.84
N ASP E 46 -5.91 3.98 25.29
CA ASP E 46 -4.87 4.91 25.76
C ASP E 46 -5.34 5.56 27.07
N GLU E 47 -4.55 6.46 27.64
CA GLU E 47 -4.94 7.04 28.93
C GLU E 47 -6.05 8.10 28.78
N ASN E 48 -6.57 8.26 27.58
CA ASN E 48 -7.76 9.05 27.34
C ASN E 48 -9.01 8.20 27.27
N GLY E 49 -8.89 6.88 27.44
CA GLY E 49 -10.05 6.04 27.24
C GLY E 49 -10.40 5.85 25.77
N ILE E 50 -9.44 6.06 24.86
CA ILE E 50 -9.68 6.01 23.43
C ILE E 50 -9.09 4.72 22.89
N SER E 51 -9.85 4.03 22.05
CA SER E 51 -9.36 2.82 21.38
C SER E 51 -8.62 3.23 20.11
N HIS E 52 -7.43 2.68 19.91
CA HIS E 52 -6.69 3.06 18.72
C HIS E 52 -7.38 2.57 17.44
N ARG E 53 -8.33 1.63 17.58
CA ARG E 53 -8.96 0.91 16.48
C ARG E 53 -10.34 1.43 16.11
N SER E 54 -11.06 2.03 17.06
CA SER E 54 -12.43 2.48 16.85
C SER E 54 -12.63 3.80 17.57
N ARG E 55 -12.89 4.87 16.81
CA ARG E 55 -12.90 6.21 17.36
C ARG E 55 -14.18 6.97 17.02
N TYR E 56 -14.65 7.74 17.99
CA TYR E 56 -16.01 8.29 17.99
C TYR E 56 -15.92 9.78 18.23
N PHE E 57 -16.57 10.56 17.36
CA PHE E 57 -16.69 12.02 17.49
C PHE E 57 -18.17 12.41 17.49
N ILE E 58 -18.53 13.40 18.30
CA ILE E 58 -19.91 13.88 18.35
C ILE E 58 -20.09 14.99 17.34
N MET E 59 -21.13 14.88 16.53
CA MET E 59 -21.58 15.97 15.67
C MET E 59 -22.90 16.49 16.24
N LEU E 60 -22.81 17.66 16.90
CA LEU E 60 -23.94 18.37 17.49
C LEU E 60 -24.43 19.38 16.45
N CYS E 61 -25.71 19.28 16.09
CA CYS E 61 -26.21 20.10 14.99
C CYS E 61 -27.66 20.47 15.25
N ASP E 62 -27.99 21.72 14.97
CA ASP E 62 -29.33 22.24 15.12
C ASP E 62 -29.99 22.58 13.80
N ASN E 63 -29.29 22.35 12.68
CA ASN E 63 -29.76 22.72 11.35
C ASN E 63 -30.44 21.51 10.70
N GLU E 64 -31.78 21.54 10.62
CA GLU E 64 -32.51 20.40 10.06
C GLU E 64 -32.20 20.22 8.56
N THR E 65 -32.02 21.32 7.81
CA THR E 65 -31.66 21.19 6.40
C THR E 65 -30.37 20.40 6.25
N ALA E 66 -29.36 20.70 7.08
CA ALA E 66 -28.07 20.03 7.01
C ALA E 66 -28.17 18.53 7.30
N ILE E 67 -28.92 18.15 8.35
CA ILE E 67 -28.95 16.73 8.73
C ILE E 67 -29.78 15.92 7.72
N ALA E 68 -30.90 16.48 7.26
CA ALA E 68 -31.71 15.77 6.28
C ALA E 68 -30.95 15.59 4.97
N HIS E 69 -30.24 16.63 4.53
CA HIS E 69 -29.44 16.50 3.30
C HIS E 69 -28.31 15.50 3.51
N ALA E 70 -27.71 15.49 4.71
CA ALA E 70 -26.63 14.57 5.00
C ALA E 70 -27.14 13.13 5.04
N LYS E 71 -28.34 12.91 5.60
CA LYS E 71 -28.89 11.55 5.58
C LYS E 71 -29.30 11.15 4.18
N LYS E 72 -29.64 12.11 3.31
CA LYS E 72 -29.97 11.76 1.94
C LYS E 72 -28.73 11.49 1.11
N THR E 73 -27.70 12.34 1.23
CA THR E 73 -26.55 12.30 0.31
C THR E 73 -25.27 11.73 0.92
N SER E 74 -25.25 11.48 2.23
CA SER E 74 -24.13 10.83 2.92
C SER E 74 -22.83 11.62 2.74
N ILE E 75 -22.93 12.95 2.88
CA ILE E 75 -21.80 13.86 3.05
C ILE E 75 -22.05 14.77 4.23
N TRP E 76 -20.99 14.99 4.99
CA TRP E 76 -20.97 15.84 6.17
C TRP E 76 -19.83 16.83 6.06
N ALA E 77 -20.10 18.07 6.47
CA ALA E 77 -19.08 19.10 6.52
C ALA E 77 -18.44 19.10 7.91
N VAL E 78 -17.11 19.02 7.95
CA VAL E 78 -16.35 18.93 9.21
C VAL E 78 -15.80 20.31 9.57
N LYS E 79 -15.95 20.73 10.83
CA LYS E 79 -15.53 22.07 11.23
C LYS E 79 -14.02 22.18 11.20
N LYS E 80 -13.54 23.39 10.90
CA LYS E 80 -12.09 23.58 10.87
C LYS E 80 -11.47 23.22 12.21
N ASP E 81 -12.18 23.52 13.30
CA ASP E 81 -11.67 23.36 14.65
C ASP E 81 -11.57 21.91 15.10
N SER E 82 -12.15 20.97 14.36
CA SER E 82 -12.01 19.55 14.66
C SER E 82 -11.40 18.77 13.51
N SER E 83 -11.12 19.42 12.38
CA SER E 83 -10.76 18.66 11.18
C SER E 83 -9.43 17.93 11.32
N LYS E 84 -8.39 18.60 11.87
CA LYS E 84 -7.08 17.95 11.93
C LYS E 84 -7.13 16.67 12.76
N ARG E 85 -7.82 16.69 13.91
CA ARG E 85 -7.85 15.48 14.73
C ARG E 85 -8.68 14.36 14.07
N ILE E 86 -9.84 14.70 13.48
CA ILE E 86 -10.64 13.71 12.76
C ILE E 86 -9.87 13.13 11.56
N SER E 87 -9.16 13.99 10.83
CA SER E 87 -8.39 13.51 9.67
C SER E 87 -7.24 12.59 10.08
N ASP E 88 -6.56 12.93 11.16
CA ASP E 88 -5.53 12.04 11.72
C ASP E 88 -6.15 10.73 12.20
N ALA E 89 -7.33 10.82 12.84
CA ALA E 89 -8.01 9.62 13.29
C ALA E 89 -8.41 8.76 12.12
N TYR E 90 -8.80 9.39 11.00
CA TYR E 90 -9.26 8.61 9.86
C TYR E 90 -8.16 7.76 9.24
N LYS E 91 -6.94 8.26 9.20
CA LYS E 91 -5.89 7.46 8.58
C LYS E 91 -5.41 6.31 9.46
N LYS E 92 -5.86 6.26 10.71
CA LYS E 92 -5.41 5.25 11.67
C LYS E 92 -6.49 4.28 12.12
N ALA E 93 -7.78 4.64 12.04
CA ALA E 93 -8.82 3.86 12.69
C ALA E 93 -10.12 3.91 11.89
N SER E 94 -11.03 2.98 12.23
CA SER E 94 -12.43 3.17 11.91
C SER E 94 -12.93 4.36 12.70
N VAL E 95 -13.54 5.32 12.03
CA VAL E 95 -13.93 6.58 12.64
C VAL E 95 -15.43 6.69 12.49
N TYR E 96 -16.10 7.05 13.58
CA TYR E 96 -17.55 7.18 13.56
C TYR E 96 -18.00 8.55 14.08
N PHE E 97 -19.01 9.13 13.41
CA PHE E 97 -19.72 10.32 13.86
C PHE E 97 -21.05 9.89 14.48
N ILE E 98 -21.31 10.35 15.69
CA ILE E 98 -22.61 10.16 16.32
C ILE E 98 -23.28 11.53 16.34
N PHE E 99 -24.42 11.63 15.66
CA PHE E 99 -25.13 12.89 15.46
C PHE E 99 -26.17 13.11 16.56
N VAL E 100 -26.15 14.28 17.17
CA VAL E 100 -26.99 14.60 18.31
C VAL E 100 -27.51 16.02 18.11
N ALA E 101 -28.83 16.20 18.31
CA ALA E 101 -29.43 17.53 18.17
C ALA E 101 -29.00 18.41 19.33
N GLN E 102 -28.64 19.64 18.97
CA GLN E 102 -27.88 20.51 19.86
C GLN E 102 -28.68 20.97 21.06
N GLN E 103 -29.96 21.31 20.88
CA GLN E 103 -30.76 21.79 22.00
C GLN E 103 -31.56 20.68 22.71
N THR E 104 -31.95 19.64 21.99
CA THR E 104 -32.80 18.62 22.63
C THR E 104 -32.01 17.40 23.10
N TYR E 105 -30.80 17.19 22.53
CA TYR E 105 -29.98 15.99 22.73
C TYR E 105 -30.65 14.67 22.20
N ASN E 106 -31.65 14.76 21.35
CA ASN E 106 -32.10 13.58 20.61
C ASN E 106 -30.96 13.03 19.77
N ALA E 107 -30.77 11.72 19.79
CA ALA E 107 -29.83 11.16 18.83
C ALA E 107 -30.44 11.20 17.43
N LEU E 108 -29.61 11.50 16.45
CA LEU E 108 -30.06 11.54 15.07
C LEU E 108 -29.57 10.34 14.27
N GLY E 109 -28.58 9.63 14.76
CA GLY E 109 -28.03 8.45 14.12
C GLY E 109 -26.51 8.45 14.23
N TYR E 110 -25.88 7.48 13.54
CA TYR E 110 -24.44 7.42 13.51
C TYR E 110 -23.95 6.79 12.20
N ALA E 111 -22.77 7.20 11.82
CA ALA E 111 -22.26 6.85 10.51
C ALA E 111 -20.77 6.64 10.62
N GLN E 112 -20.25 5.73 9.79
CA GLN E 112 -18.80 5.56 9.68
C GLN E 112 -18.27 6.52 8.62
N VAL E 113 -17.12 7.12 8.89
CA VAL E 113 -16.42 7.97 7.92
C VAL E 113 -15.73 7.08 6.89
N VAL E 114 -16.01 7.32 5.60
CA VAL E 114 -15.51 6.46 4.52
C VAL E 114 -14.70 7.25 3.48
N SER E 115 -14.27 8.46 3.82
CA SER E 115 -13.32 9.19 2.98
C SER E 115 -12.68 10.28 3.80
N ASP E 116 -11.49 10.70 3.37
CA ASP E 116 -10.81 11.70 4.17
C ASP E 116 -11.33 13.11 3.82
N LEU E 117 -10.97 14.08 4.65
CA LEU E 117 -11.47 15.44 4.50
C LEU E 117 -11.13 16.00 3.13
N ASN E 118 -12.06 16.74 2.53
CA ASN E 118 -11.77 17.28 1.22
C ASN E 118 -12.42 18.64 1.02
N SER E 119 -11.56 19.63 0.79
CA SER E 119 -11.92 21.02 0.54
C SER E 119 -12.92 21.21 -0.59
N THR E 120 -12.96 20.30 -1.56
CA THR E 120 -13.78 20.56 -2.75
C THR E 120 -15.17 19.99 -2.62
N GLU E 121 -15.32 18.91 -1.87
CA GLU E 121 -16.59 18.24 -1.69
C GLU E 121 -17.31 18.68 -0.42
N LEU E 122 -17.84 19.88 -0.50
CA LEU E 122 -18.58 20.37 0.64
C LEU E 122 -20.03 20.62 0.23
N PRO E 123 -20.98 20.30 1.09
CA PRO E 123 -22.38 20.48 0.73
C PRO E 123 -22.75 21.96 0.77
N PHE E 124 -23.83 22.29 0.04
CA PHE E 124 -24.26 23.68 -0.10
C PHE E 124 -24.53 24.32 1.25
N TRP E 125 -24.93 23.53 2.26
CA TRP E 125 -25.27 24.14 3.54
C TRP E 125 -24.03 24.48 4.35
N SER E 126 -22.85 24.13 3.85
CA SER E 126 -21.62 24.43 4.57
C SER E 126 -21.32 25.94 4.51
N ASP E 127 -20.51 26.39 5.47
CA ASP E 127 -19.99 27.76 5.51
C ASP E 127 -18.50 27.75 5.81
N SER E 128 -17.95 28.92 6.16
CA SER E 128 -16.50 29.04 6.32
C SER E 128 -15.98 28.53 7.66
N SER E 129 -16.85 28.00 8.53
CA SER E 129 -16.36 27.29 9.73
C SER E 129 -15.96 25.85 9.39
N HIS E 130 -16.24 25.40 8.17
CA HIS E 130 -16.02 24.04 7.75
C HIS E 130 -14.73 23.93 6.96
N ALA E 131 -14.01 22.85 7.20
CA ALA E 131 -12.73 22.61 6.59
C ALA E 131 -12.86 21.91 5.25
N GLY E 132 -13.79 20.98 5.19
CA GLY E 132 -13.99 20.14 4.05
C GLY E 132 -15.08 19.14 4.38
N GLY E 133 -15.48 18.40 3.35
CA GLY E 133 -16.51 17.39 3.46
C GLY E 133 -15.87 16.01 3.54
N VAL E 134 -16.61 15.08 4.16
CA VAL E 134 -16.23 13.67 4.18
C VAL E 134 -17.47 12.90 3.74
N ARG E 135 -17.25 11.83 2.99
CA ARG E 135 -18.32 10.86 2.78
C ARG E 135 -18.52 10.00 4.02
N ILE E 136 -19.78 9.64 4.27
CA ILE E 136 -20.17 8.86 5.44
C ILE E 136 -21.06 7.73 4.95
N LYS E 137 -21.05 6.62 5.70
CA LYS E 137 -21.99 5.51 5.55
C LYS E 137 -22.81 5.42 6.84
N TRP E 138 -24.09 5.77 6.74
CA TRP E 138 -24.98 5.69 7.89
C TRP E 138 -25.13 4.26 8.36
N ILE E 139 -25.01 4.06 9.67
CA ILE E 139 -25.27 2.77 10.31
C ILE E 139 -26.68 2.72 10.86
N LYS E 140 -27.05 3.71 11.65
CA LYS E 140 -28.44 3.91 12.06
C LYS E 140 -28.82 5.37 11.87
N THR E 141 -30.12 5.58 11.60
CA THR E 141 -30.70 6.90 11.56
C THR E 141 -31.93 6.90 12.45
N CYS E 142 -32.16 8.04 13.11
CA CYS E 142 -33.24 8.11 14.08
C CYS E 142 -33.46 9.57 14.44
N ASN E 143 -34.45 9.79 15.31
CA ASN E 143 -34.69 11.04 15.98
C ASN E 143 -35.22 10.65 17.35
N LEU E 144 -34.27 10.32 18.23
CA LEU E 144 -34.52 9.49 19.41
C LEU E 144 -34.21 10.26 20.69
N PHE E 145 -35.19 10.38 21.58
CA PHE E 145 -34.87 10.83 22.94
C PHE E 145 -34.59 9.62 23.80
N SER E 146 -33.41 9.61 24.43
CA SER E 146 -33.13 8.59 25.43
C SER E 146 -32.49 9.30 26.62
N ALA E 147 -33.05 9.10 27.81
CA ALA E 147 -32.48 9.77 28.96
C ALA E 147 -31.00 9.39 29.16
N GLU E 148 -30.60 8.16 28.87
CA GLU E 148 -29.24 7.86 29.19
C GLU E 148 -28.29 8.46 28.12
N ILE E 149 -28.79 8.64 26.89
CA ILE E 149 -28.04 9.39 25.88
C ILE E 149 -27.82 10.84 26.34
N SER E 150 -28.91 11.52 26.74
CA SER E 150 -28.80 12.91 27.21
C SER E 150 -27.79 13.01 28.32
N GLU E 151 -27.83 12.09 29.28
CA GLU E 151 -26.85 12.11 30.33
C GLU E 151 -25.43 11.91 29.80
N ILE E 152 -25.24 10.97 28.85
CA ILE E 152 -23.89 10.74 28.33
C ILE E 152 -23.37 12.02 27.67
N VAL E 153 -24.21 12.67 26.84
CA VAL E 153 -23.82 13.90 26.15
C VAL E 153 -23.63 15.05 27.14
N SER E 154 -24.45 15.09 28.20
CA SER E 154 -24.36 16.10 29.25
C SER E 154 -23.06 16.04 30.01
N HIS E 155 -22.40 14.88 30.03
CA HIS E 155 -21.19 14.70 30.82
C HIS E 155 -19.97 14.42 29.94
N MET E 156 -20.06 14.66 28.63
CA MET E 156 -19.05 14.15 27.69
C MET E 156 -17.73 14.93 27.78
N ASP E 157 -17.75 16.16 28.28
CA ASP E 157 -16.53 16.97 28.42
C ASP E 157 -16.14 17.01 29.89
N HIS E 158 -15.53 15.93 30.36
CA HIS E 158 -15.04 15.82 31.72
C HIS E 158 -16.15 16.19 32.70
N GLY E 159 -17.36 15.67 32.47
CA GLY E 159 -18.47 15.93 33.35
C GLY E 159 -19.35 17.10 32.97
N SER E 160 -19.01 17.85 31.92
CA SER E 160 -19.78 18.95 31.37
C SER E 160 -20.24 18.61 29.97
N GLU E 161 -21.09 19.48 29.43
CA GLU E 161 -21.76 19.18 28.18
C GLU E 161 -20.76 19.03 27.04
N ALA E 162 -21.09 18.10 26.13
CA ALA E 162 -20.27 17.83 24.95
C ALA E 162 -19.99 19.12 24.17
N ARG E 163 -18.77 19.24 23.65
CA ARG E 163 -18.41 20.28 22.68
C ARG E 163 -18.46 19.69 21.26
N ASP E 164 -19.09 20.42 20.33
CA ASP E 164 -19.28 19.92 18.96
C ASP E 164 -17.95 19.45 18.36
N GLY E 165 -17.97 18.30 17.71
CA GLY E 165 -16.78 17.76 17.09
C GLY E 165 -15.75 17.14 18.06
N MET E 166 -16.03 17.07 19.36
CA MET E 166 -15.03 16.48 20.24
C MET E 166 -15.02 14.96 20.04
N GLU E 167 -13.87 14.36 20.32
CA GLU E 167 -13.77 12.90 20.40
C GLU E 167 -14.22 12.44 21.79
N MET E 168 -14.91 11.31 21.82
CA MET E 168 -15.40 10.68 23.04
C MET E 168 -14.63 9.39 23.31
N MET E 169 -14.72 8.93 24.54
CA MET E 169 -14.05 7.69 24.89
C MET E 169 -14.72 6.49 24.20
N TYR E 170 -13.97 5.38 24.15
CA TYR E 170 -14.50 4.14 23.56
C TYR E 170 -15.80 3.73 24.22
N ASP E 171 -15.85 3.78 25.53
CA ASP E 171 -17.04 3.28 26.22
C ASP E 171 -18.23 4.20 25.99
N GLU E 172 -18.01 5.51 25.82
CA GLU E 172 -19.14 6.39 25.52
C GLU E 172 -19.67 6.14 24.10
N GLY E 173 -18.79 6.10 23.11
CA GLY E 173 -19.23 5.83 21.74
C GLY E 173 -19.93 4.50 21.65
N SER E 174 -19.33 3.46 22.24
CA SER E 174 -19.90 2.13 22.16
C SER E 174 -21.25 2.07 22.86
N ARG E 175 -21.39 2.74 24.01
CA ARG E 175 -22.67 2.67 24.71
C ARG E 175 -23.74 3.44 23.94
N LEU E 176 -23.37 4.60 23.39
CA LEU E 176 -24.32 5.34 22.58
C LEU E 176 -24.72 4.52 21.36
N CYS E 177 -23.76 3.83 20.71
CA CYS E 177 -24.16 2.97 19.61
C CYS E 177 -25.14 1.91 20.06
N THR E 178 -24.91 1.35 21.24
CA THR E 178 -25.79 0.31 21.78
C THR E 178 -27.17 0.87 22.10
N LEU E 179 -27.21 2.05 22.75
CA LEU E 179 -28.49 2.65 23.11
C LEU E 179 -29.30 3.03 21.86
N ILE E 180 -28.62 3.49 20.80
CA ILE E 180 -29.35 3.78 19.57
C ILE E 180 -29.89 2.48 18.95
N ASN E 181 -29.05 1.44 18.85
CA ASN E 181 -29.49 0.19 18.19
C ASN E 181 -30.68 -0.41 18.89
N TYR E 182 -30.66 -0.41 20.23
CA TYR E 182 -31.71 -1.07 20.99
C TYR E 182 -33.05 -0.34 20.80
N ALA E 183 -33.07 0.99 20.93
CA ALA E 183 -34.32 1.75 20.72
C ALA E 183 -34.91 1.50 19.35
N ILE E 184 -34.11 1.66 18.30
CA ILE E 184 -34.57 1.44 16.92
C ILE E 184 -35.07 0.01 16.74
N MET E 185 -34.42 -0.96 17.38
CA MET E 185 -34.90 -2.33 17.30
C MET E 185 -36.29 -2.43 17.90
N LYS E 186 -36.53 -1.69 18.98
CA LYS E 186 -37.85 -1.65 19.61
C LYS E 186 -38.81 -0.68 18.95
N ARG E 187 -38.43 -0.10 17.80
CA ARG E 187 -39.28 0.80 17.01
C ARG E 187 -39.61 2.08 17.79
N ILE E 188 -38.63 2.56 18.54
CA ILE E 188 -38.71 3.81 19.27
C ILE E 188 -37.73 4.77 18.65
N GLY E 189 -38.23 5.95 18.26
CA GLY E 189 -37.39 7.00 17.73
C GLY E 189 -36.90 6.73 16.34
N ARG E 190 -37.57 5.87 15.59
CA ARG E 190 -37.17 5.64 14.22
C ARG E 190 -37.42 6.89 13.39
N ASP E 191 -36.54 7.05 12.41
CA ASP E 191 -36.52 8.06 11.39
C ASP E 191 -37.18 7.61 10.10
N ARG E 192 -37.20 6.32 9.84
CA ARG E 192 -37.67 5.77 8.57
C ARG E 192 -38.47 4.50 8.78
C1 GOL G . 16.88 -13.31 25.03
O1 GOL G . 17.48 -12.60 26.09
C2 GOL G . 15.65 -14.11 25.45
O2 GOL G . 14.57 -13.52 24.78
C3 GOL G . 15.80 -15.57 25.00
O3 GOL G . 14.67 -16.38 25.34
C1 GOL H . -12.14 2.56 -33.63
O1 GOL H . -11.69 1.97 -34.83
C2 GOL H . -13.40 1.89 -33.05
O2 GOL H . -13.17 0.51 -32.92
C3 GOL H . -13.78 2.51 -31.70
O3 GOL H . -14.02 1.62 -30.62
C1 GOL I . 11.92 19.79 -32.40
O1 GOL I . 10.87 20.30 -33.16
C2 GOL I . 12.09 18.28 -32.55
O2 GOL I . 13.25 17.81 -31.92
C3 GOL I . 11.77 17.68 -33.93
O3 GOL I . 12.30 16.39 -34.17
#